data_3CA6
#
_entry.id   3CA6
#
_cell.length_a   127.042
_cell.length_b   127.042
_cell.length_c   75.492
_cell.angle_alpha   90.00
_cell.angle_beta   90.00
_cell.angle_gamma   90.00
#
_symmetry.space_group_name_H-M   'I 41 2 2'
#
loop_
_entity.id
_entity.type
_entity.pdbx_description
1 polymer 'Agglutinin II'
2 branched alpha-L-fucopyranose-(1-3)-[2-acetamido-2-deoxy-beta-D-glucopyranose-(1-4)]2-acetamido-2-deoxy-beta-D-glucopyranose
3 branched 2-acetamido-2-deoxy-beta-D-glucopyranose-(1-4)-2-acetamido-2-deoxy-beta-D-glucopyranose
4 non-polymer 2-acetamido-2-deoxy-beta-D-glucopyranose
5 non-polymer 2-acetamido-2-deoxy-alpha-D-galactopyranose
6 non-polymer 'SULFATE ION'
7 non-polymer 'ACETATE ION'
8 non-polymer SERINE
9 water water
#
_entity_poly.entity_id   1
_entity_poly.type   'polypeptide(L)'
_entity_poly.pdbx_seq_one_letter_code
;TSFTRNIVGRDGLCVDVRNGYDTDGTPLQLWPCGTQRNQRWTFDSDDTIRSMGKCMTANGLNNGSNIVIFNCSTAAENAI
KWEVPIDGSIINPSSGLVMTAPRAASRTILLLEDNIYAASQGWTVTNNVKPIVASIVGYKEMCLQSNGENNGVWMEDCEA
TSLQQQWALYGDRTIRVNSTRGLCVTTNGYNSKDLIIILKCQGLPSQRWFFNSDGAIVNPKSRLVMDVRASNVSLREIII
FPATGNPNQQWVTQVLPS
;
_entity_poly.pdbx_strand_id   A
#
loop_
_chem_comp.id
_chem_comp.type
_chem_comp.name
_chem_comp.formula
A2G D-saccharide, alpha linking 2-acetamido-2-deoxy-alpha-D-galactopyranose 'C8 H15 N O6'
ACT non-polymer 'ACETATE ION' 'C2 H3 O2 -1'
FUC L-saccharide, alpha linking alpha-L-fucopyranose 'C6 H12 O5'
NAG D-saccharide, beta linking 2-acetamido-2-deoxy-beta-D-glucopyranose 'C8 H15 N O6'
SO4 non-polymer 'SULFATE ION' 'O4 S -2'
#
# COMPACT_ATOMS: atom_id res chain seq x y z
N THR A 1 -10.59 -3.67 23.21
CA THR A 1 -11.57 -2.84 22.41
C THR A 1 -11.61 -3.30 20.96
N SER A 2 -12.67 -2.89 20.25
N SER A 2 -12.71 -3.00 20.25
CA SER A 2 -12.78 -3.19 18.82
CA SER A 2 -12.82 -3.30 18.82
C SER A 2 -13.33 -2.03 18.02
C SER A 2 -13.17 -2.03 18.09
N PHE A 3 -12.92 -2.00 16.77
CA PHE A 3 -13.35 -0.99 15.86
C PHE A 3 -13.42 -1.65 14.45
N THR A 4 -14.24 -1.06 13.61
CA THR A 4 -14.58 -1.63 12.31
C THR A 4 -14.22 -0.68 11.16
N ARG A 5 -13.65 -1.24 10.11
CA ARG A 5 -13.11 -0.53 8.97
C ARG A 5 -13.20 -1.38 7.72
N ASN A 6 -13.02 -0.72 6.57
CA ASN A 6 -12.72 -1.46 5.34
C ASN A 6 -11.20 -1.75 5.31
N ILE A 7 -10.74 -2.62 4.45
CA ILE A 7 -9.34 -2.85 4.19
C ILE A 7 -9.11 -2.70 2.69
N VAL A 8 -8.37 -1.65 2.34
CA VAL A 8 -8.13 -1.29 0.95
C VAL A 8 -6.75 -1.79 0.55
N GLY A 9 -6.60 -2.35 -0.65
CA GLY A 9 -5.30 -2.87 -1.13
C GLY A 9 -5.18 -2.59 -2.61
N ARG A 10 -4.66 -3.60 -3.30
CA ARG A 10 -4.21 -3.47 -4.66
C ARG A 10 -5.20 -2.80 -5.56
N ASP A 11 -4.73 -1.78 -6.24
CA ASP A 11 -5.49 -0.96 -7.20
C ASP A 11 -6.69 -0.28 -6.54
N GLY A 12 -6.65 -0.13 -5.21
CA GLY A 12 -7.71 0.51 -4.47
C GLY A 12 -8.97 -0.30 -4.31
N LEU A 13 -8.90 -1.61 -4.59
CA LEU A 13 -9.97 -2.51 -4.30
C LEU A 13 -9.93 -2.94 -2.82
N CYS A 14 -11.01 -3.54 -2.34
N CYS A 14 -11.04 -3.46 -2.31
CA CYS A 14 -11.19 -3.84 -0.95
CA CYS A 14 -11.13 -3.90 -0.93
C CYS A 14 -11.22 -5.35 -0.71
C CYS A 14 -11.09 -5.40 -0.75
N VAL A 15 -10.79 -5.77 0.49
CA VAL A 15 -10.89 -7.12 0.98
C VAL A 15 -12.35 -7.46 1.25
N ASP A 16 -12.84 -8.51 0.56
CA ASP A 16 -14.24 -8.78 0.47
C ASP A 16 -14.47 -10.30 0.62
N VAL A 17 -15.40 -10.73 1.48
CA VAL A 17 -15.75 -12.14 1.58
C VAL A 17 -16.62 -12.51 0.37
N ARG A 18 -16.13 -13.47 -0.43
CA ARG A 18 -16.66 -13.74 -1.77
C ARG A 18 -18.16 -14.04 -1.75
N ASN A 19 -18.87 -13.30 -2.58
CA ASN A 19 -20.34 -13.39 -2.73
C ASN A 19 -21.11 -13.03 -1.50
N GLY A 20 -20.43 -12.52 -0.47
CA GLY A 20 -21.18 -12.26 0.76
C GLY A 20 -21.57 -13.47 1.55
N TYR A 21 -21.06 -14.62 1.16
CA TYR A 21 -21.36 -15.85 1.90
C TYR A 21 -20.60 -15.91 3.20
N ASP A 22 -21.22 -16.47 4.22
CA ASP A 22 -20.54 -16.61 5.49
C ASP A 22 -20.23 -18.06 5.88
N THR A 23 -20.41 -19.02 4.95
CA THR A 23 -20.04 -20.43 5.20
C THR A 23 -18.53 -20.49 5.51
N ASP A 24 -18.20 -21.33 6.46
CA ASP A 24 -16.83 -21.61 6.77
C ASP A 24 -16.08 -21.98 5.50
N GLY A 25 -14.94 -21.35 5.29
CA GLY A 25 -14.08 -21.60 4.15
C GLY A 25 -14.29 -20.69 2.96
N THR A 26 -15.25 -19.78 3.07
CA THR A 26 -15.47 -18.81 1.94
C THR A 26 -14.22 -17.97 1.76
N PRO A 27 -13.55 -18.02 0.63
N PRO A 27 -13.72 -17.83 0.50
CA PRO A 27 -12.35 -17.19 0.42
CA PRO A 27 -12.48 -17.07 0.31
C PRO A 27 -12.60 -15.71 0.45
C PRO A 27 -12.60 -15.60 0.30
N LEU A 28 -11.53 -14.95 0.73
CA LEU A 28 -11.43 -13.51 0.62
C LEU A 28 -10.94 -13.19 -0.77
N GLN A 29 -11.42 -12.09 -1.31
CA GLN A 29 -11.08 -11.62 -2.63
C GLN A 29 -10.93 -10.09 -2.65
N LEU A 30 -10.49 -9.56 -3.77
CA LEU A 30 -10.62 -8.15 -4.09
C LEU A 30 -11.96 -7.89 -4.75
N TRP A 31 -12.55 -6.77 -4.38
CA TRP A 31 -13.80 -6.29 -5.02
C TRP A 31 -13.86 -4.78 -4.83
N PRO A 32 -14.54 -4.06 -5.73
CA PRO A 32 -14.65 -2.63 -5.56
C PRO A 32 -15.24 -2.27 -4.22
N CYS A 33 -14.66 -1.28 -3.56
N CYS A 33 -14.80 -1.12 -3.73
CA CYS A 33 -15.02 -0.95 -2.22
CA CYS A 33 -15.11 -0.67 -2.42
C CYS A 33 -16.47 -0.44 -2.11
C CYS A 33 -16.60 -0.47 -2.20
N GLY A 34 -17.07 -0.86 -1.03
CA GLY A 34 -18.45 -0.50 -0.68
C GLY A 34 -18.69 -0.70 0.79
N THR A 35 -19.96 -0.52 1.17
CA THR A 35 -20.39 -0.61 2.53
C THR A 35 -20.97 -1.94 2.97
N GLN A 36 -21.05 -2.88 2.06
CA GLN A 36 -21.62 -4.16 2.37
C GLN A 36 -20.88 -4.83 3.53
N ARG A 37 -21.59 -5.62 4.31
CA ARG A 37 -21.08 -6.15 5.53
C ARG A 37 -19.88 -7.06 5.38
N ASN A 38 -19.83 -7.74 4.23
CA ASN A 38 -18.68 -8.64 3.88
C ASN A 38 -17.42 -7.88 3.44
N GLN A 39 -17.44 -6.53 3.55
CA GLN A 39 -16.24 -5.69 3.43
C GLN A 39 -15.97 -4.92 4.75
N ARG A 40 -16.75 -5.18 5.82
CA ARG A 40 -16.53 -4.51 7.11
C ARG A 40 -15.84 -5.45 8.04
N TRP A 41 -14.65 -5.03 8.47
CA TRP A 41 -13.74 -5.87 9.20
C TRP A 41 -13.54 -5.24 10.58
N THR A 42 -13.79 -6.06 11.61
CA THR A 42 -13.71 -5.61 12.98
C THR A 42 -12.41 -6.13 13.58
N PHE A 43 -11.61 -5.16 14.04
CA PHE A 43 -10.31 -5.43 14.63
C PHE A 43 -10.45 -5.46 16.13
N ASP A 44 -10.07 -6.58 16.74
CA ASP A 44 -10.11 -6.66 18.21
C ASP A 44 -8.76 -6.76 18.83
N SER A 45 -8.77 -6.44 20.13
CA SER A 45 -7.63 -6.62 20.99
C SER A 45 -7.01 -8.00 21.03
N ASP A 46 -7.77 -9.05 20.69
CA ASP A 46 -7.25 -10.42 20.64
C ASP A 46 -6.49 -10.78 19.30
N ASP A 47 -6.28 -9.77 18.45
CA ASP A 47 -5.56 -9.90 17.18
C ASP A 47 -6.32 -10.64 16.12
N THR A 48 -7.61 -10.76 16.33
CA THR A 48 -8.49 -11.28 15.23
C THR A 48 -9.03 -10.16 14.39
N ILE A 49 -9.45 -10.51 13.17
CA ILE A 49 -10.00 -9.55 12.20
C ILE A 49 -11.29 -10.25 11.68
N ARG A 50 -12.47 -9.69 11.97
CA ARG A 50 -13.74 -10.39 11.79
C ARG A 50 -14.70 -9.70 10.86
N SER A 51 -15.41 -10.49 10.04
CA SER A 51 -16.49 -9.98 9.20
C SER A 51 -17.61 -10.99 9.33
N MET A 52 -18.81 -10.45 9.41
CA MET A 52 -20.01 -11.27 9.53
C MET A 52 -19.97 -12.25 10.69
N GLY A 53 -19.29 -11.82 11.75
CA GLY A 53 -19.15 -12.58 12.96
C GLY A 53 -18.18 -13.72 12.95
N LYS A 54 -17.47 -13.87 11.84
CA LYS A 54 -16.46 -14.89 11.68
C LYS A 54 -15.06 -14.28 11.47
N CYS A 55 -14.07 -15.13 11.48
N CYS A 55 -14.05 -15.12 11.65
CA CYS A 55 -12.69 -14.63 11.51
CA CYS A 55 -12.62 -14.70 11.54
C CYS A 55 -11.91 -14.85 10.22
C CYS A 55 -12.04 -14.77 10.13
N MET A 56 -11.16 -13.83 9.82
CA MET A 56 -10.18 -13.98 8.80
C MET A 56 -9.21 -15.09 9.27
N THR A 57 -9.02 -16.12 8.42
CA THR A 57 -8.41 -17.36 8.79
C THR A 57 -7.48 -17.83 7.69
N ALA A 58 -6.25 -18.16 8.04
CA ALA A 58 -5.31 -18.79 7.11
C ALA A 58 -5.72 -20.27 6.98
N ASN A 59 -6.06 -20.71 5.77
CA ASN A 59 -6.64 -22.08 5.56
C ASN A 59 -5.42 -22.73 5.15
N GLY A 60 -4.56 -22.88 6.12
CA GLY A 60 -3.23 -23.36 5.92
C GLY A 60 -2.27 -22.25 6.13
N LEU A 61 -1.04 -22.62 6.48
CA LEU A 61 0.00 -21.68 6.82
C LEU A 61 1.29 -21.94 6.00
N ASN A 62 1.18 -22.18 4.68
CA ASN A 62 2.36 -22.29 3.75
C ASN A 62 2.29 -21.25 2.58
N ASN A 63 3.35 -21.02 1.78
CA ASN A 63 3.34 -20.01 0.67
C ASN A 63 2.23 -20.42 -0.29
N GLY A 64 1.32 -19.52 -0.60
CA GLY A 64 0.21 -19.80 -1.53
C GLY A 64 -1.06 -20.26 -0.82
N SER A 65 -1.06 -20.44 0.51
CA SER A 65 -2.29 -20.82 1.22
C SER A 65 -3.37 -19.78 1.07
N ASN A 66 -4.58 -20.27 1.03
CA ASN A 66 -5.72 -19.42 0.91
C ASN A 66 -6.11 -18.77 2.25
N ILE A 67 -6.66 -17.58 2.19
CA ILE A 67 -7.22 -16.88 3.36
C ILE A 67 -8.78 -16.89 3.16
N VAL A 68 -9.46 -17.26 4.21
CA VAL A 68 -10.89 -17.55 4.21
C VAL A 68 -11.54 -16.93 5.43
N ILE A 69 -12.87 -16.97 5.45
CA ILE A 69 -13.62 -16.71 6.68
C ILE A 69 -13.88 -18.03 7.36
N PHE A 70 -13.86 -18.07 8.69
CA PHE A 70 -14.11 -19.30 9.43
C PHE A 70 -14.54 -18.97 10.86
N ASN A 71 -15.41 -19.80 11.38
CA ASN A 71 -15.84 -19.68 12.81
C ASN A 71 -14.63 -19.44 13.71
N CYS A 72 -14.76 -18.45 14.58
N CYS A 72 -14.66 -18.39 14.52
CA CYS A 72 -13.65 -17.99 15.40
CA CYS A 72 -13.51 -18.07 15.36
C CYS A 72 -13.32 -18.92 16.54
C CYS A 72 -13.24 -19.14 16.41
N SER A 73 -14.30 -19.70 17.00
CA SER A 73 -14.09 -20.65 18.12
C SER A 73 -13.53 -21.97 17.66
N THR A 74 -13.83 -22.40 16.43
CA THR A 74 -13.39 -23.68 15.94
C THR A 74 -12.15 -23.65 15.09
N ALA A 75 -11.74 -22.45 14.61
CA ALA A 75 -10.53 -22.39 13.78
C ALA A 75 -9.33 -22.58 14.72
N ALA A 76 -8.22 -23.01 14.15
CA ALA A 76 -6.95 -23.03 14.88
C ALA A 76 -6.54 -21.62 15.33
N GLU A 77 -6.09 -21.49 16.58
CA GLU A 77 -5.75 -20.18 17.15
C GLU A 77 -4.65 -19.49 16.31
N ASN A 78 -3.65 -20.22 15.87
N ASN A 78 -3.66 -20.26 15.89
CA ASN A 78 -2.55 -19.55 15.14
CA ASN A 78 -2.54 -19.67 15.12
C ASN A 78 -2.91 -19.16 13.69
C ASN A 78 -3.02 -19.02 13.81
N ALA A 79 -4.09 -19.59 13.27
CA ALA A 79 -4.58 -19.24 11.94
C ALA A 79 -5.47 -18.02 11.92
N ILE A 80 -5.94 -17.56 13.08
CA ILE A 80 -6.81 -16.42 13.19
C ILE A 80 -6.21 -15.17 13.82
N LYS A 81 -4.92 -15.23 14.11
CA LYS A 81 -4.22 -14.07 14.68
C LYS A 81 -3.47 -13.33 13.58
N TRP A 82 -3.60 -12.01 13.59
CA TRP A 82 -3.02 -11.16 12.57
C TRP A 82 -2.44 -9.93 13.24
N GLU A 83 -1.34 -9.38 12.69
CA GLU A 83 -0.86 -8.06 13.10
C GLU A 83 -0.72 -7.19 11.88
N VAL A 84 -0.63 -5.88 12.11
CA VAL A 84 -0.69 -4.87 11.04
C VAL A 84 0.53 -3.96 11.13
N PRO A 85 1.64 -4.41 10.54
CA PRO A 85 2.83 -3.58 10.53
C PRO A 85 2.59 -2.17 10.01
N ILE A 86 3.40 -1.23 10.46
CA ILE A 86 3.21 0.15 10.14
C ILE A 86 3.39 0.43 8.67
N ASP A 87 4.18 -0.38 7.96
CA ASP A 87 4.37 -0.21 6.55
C ASP A 87 3.18 -0.70 5.70
N GLY A 88 2.13 -1.20 6.31
CA GLY A 88 0.92 -1.58 5.60
C GLY A 88 0.76 -3.04 5.32
N SER A 89 1.70 -3.87 5.73
CA SER A 89 1.53 -5.32 5.58
C SER A 89 0.39 -5.81 6.50
N ILE A 90 -0.18 -6.99 6.22
CA ILE A 90 -1.00 -7.67 7.16
C ILE A 90 -0.39 -9.08 7.29
N ILE A 91 0.14 -9.40 8.48
CA ILE A 91 0.96 -10.56 8.67
C ILE A 91 0.28 -11.55 9.61
N ASN A 92 0.47 -12.84 9.32
CA ASN A 92 0.09 -13.92 10.26
C ASN A 92 1.33 -14.22 11.14
N PRO A 93 1.32 -13.85 12.41
CA PRO A 93 2.58 -13.99 13.17
C PRO A 93 3.19 -15.36 13.25
N SER A 94 2.33 -16.39 13.30
CA SER A 94 2.83 -17.76 13.48
C SER A 94 3.73 -18.15 12.31
N SER A 95 3.24 -17.90 11.10
CA SER A 95 3.94 -18.30 9.88
C SER A 95 4.91 -17.29 9.31
N GLY A 96 4.66 -16.01 9.62
CA GLY A 96 5.41 -14.93 9.04
C GLY A 96 4.97 -14.56 7.64
N LEU A 97 3.95 -15.21 7.09
CA LEU A 97 3.50 -14.92 5.75
C LEU A 97 2.53 -13.75 5.81
N VAL A 98 2.38 -13.09 4.67
CA VAL A 98 1.60 -11.89 4.60
C VAL A 98 0.51 -12.00 3.53
N MET A 99 -0.57 -11.24 3.74
N MET A 99 -0.57 -11.25 3.74
CA MET A 99 -1.68 -11.15 2.81
CA MET A 99 -1.71 -11.28 2.86
C MET A 99 -1.18 -10.59 1.50
C MET A 99 -1.33 -10.56 1.55
N THR A 100 -1.58 -11.24 0.42
CA THR A 100 -1.13 -10.87 -0.90
C THR A 100 -2.26 -10.99 -1.90
N ALA A 101 -2.33 -10.00 -2.78
CA ALA A 101 -3.25 -9.96 -3.92
C ALA A 101 -2.43 -10.30 -5.19
N PRO A 102 -2.54 -11.57 -5.66
CA PRO A 102 -1.59 -11.95 -6.73
C PRO A 102 -1.85 -11.31 -8.09
N ARG A 103 -3.06 -10.83 -8.32
CA ARG A 103 -3.44 -10.13 -9.56
C ARG A 103 -4.22 -8.87 -9.18
N ALA A 104 -4.30 -7.93 -10.11
CA ALA A 104 -5.01 -6.67 -9.85
C ALA A 104 -6.57 -6.74 -10.00
N ALA A 105 -7.05 -7.78 -10.62
CA ALA A 105 -8.42 -7.85 -11.03
C ALA A 105 -9.39 -8.02 -9.87
N SER A 106 -10.60 -7.46 -9.99
N SER A 106 -10.60 -7.49 -10.04
CA SER A 106 -11.66 -7.86 -9.09
CA SER A 106 -11.72 -7.89 -9.20
C SER A 106 -11.78 -9.39 -9.19
C SER A 106 -11.90 -9.42 -9.24
N ARG A 107 -12.22 -10.01 -8.09
CA ARG A 107 -12.40 -11.43 -7.93
C ARG A 107 -11.08 -12.20 -7.78
N THR A 108 -9.94 -11.51 -7.72
CA THR A 108 -8.70 -12.13 -7.35
C THR A 108 -8.80 -12.64 -5.90
N ILE A 109 -8.42 -13.91 -5.66
N ILE A 109 -8.31 -13.84 -5.71
CA ILE A 109 -8.49 -14.52 -4.33
CA ILE A 109 -8.40 -14.52 -4.49
C ILE A 109 -7.15 -14.35 -3.58
C ILE A 109 -7.15 -14.12 -3.69
N LEU A 110 -7.30 -13.87 -2.37
CA LEU A 110 -6.16 -13.45 -1.55
C LEU A 110 -5.47 -14.66 -0.96
N LEU A 111 -4.13 -14.59 -0.88
CA LEU A 111 -3.31 -15.69 -0.48
C LEU A 111 -2.33 -15.19 0.59
N LEU A 112 -1.85 -16.11 1.38
CA LEU A 112 -0.67 -15.87 2.24
C LEU A 112 0.57 -16.22 1.46
N GLU A 113 1.52 -15.31 1.43
CA GLU A 113 2.76 -15.54 0.67
C GLU A 113 3.94 -14.93 1.37
N ASP A 114 5.10 -15.45 1.00
CA ASP A 114 6.34 -14.93 1.56
C ASP A 114 6.38 -13.41 1.34
N ASN A 115 6.84 -12.69 2.37
CA ASN A 115 6.91 -11.26 2.30
C ASN A 115 8.06 -10.85 1.45
N ILE A 116 7.74 -10.13 0.38
CA ILE A 116 8.78 -9.52 -0.50
C ILE A 116 8.59 -7.99 -0.54
N TYR A 117 7.75 -7.46 0.37
CA TYR A 117 7.49 -6.03 0.39
C TYR A 117 6.91 -5.53 -0.91
N ALA A 118 6.12 -6.37 -1.58
CA ALA A 118 5.52 -5.95 -2.84
C ALA A 118 4.34 -4.98 -2.61
N ALA A 119 4.03 -4.16 -3.62
CA ALA A 119 2.82 -3.37 -3.55
C ALA A 119 1.56 -4.27 -3.50
N SER A 120 1.64 -5.50 -4.04
N SER A 120 1.67 -5.50 -4.01
CA SER A 120 0.57 -6.48 -3.91
CA SER A 120 0.58 -6.47 -3.89
C SER A 120 0.30 -6.94 -2.45
C SER A 120 0.38 -7.04 -2.49
N GLN A 121 1.19 -6.58 -1.55
CA GLN A 121 1.18 -6.93 -0.14
C GLN A 121 0.99 -5.68 0.73
N GLY A 122 0.59 -4.55 0.14
CA GLY A 122 0.31 -3.36 0.89
C GLY A 122 -1.20 -3.20 1.09
N TRP A 123 -1.56 -2.73 2.26
CA TRP A 123 -3.00 -2.56 2.64
C TRP A 123 -3.16 -1.35 3.54
N THR A 124 -4.37 -0.82 3.57
CA THR A 124 -4.70 0.33 4.44
C THR A 124 -6.08 0.05 5.08
N VAL A 125 -6.07 0.14 6.39
CA VAL A 125 -7.24 -0.05 7.23
C VAL A 125 -7.93 1.30 7.48
N THR A 126 -9.10 1.52 6.90
CA THR A 126 -9.70 2.83 6.81
C THR A 126 -11.18 2.73 6.49
N ASN A 127 -11.96 3.74 6.87
CA ASN A 127 -13.33 3.95 6.33
C ASN A 127 -13.37 4.81 5.07
N ASN A 128 -12.28 5.54 4.76
CA ASN A 128 -12.23 6.33 3.50
C ASN A 128 -11.71 5.44 2.39
N VAL A 129 -12.56 4.97 1.55
CA VAL A 129 -12.15 4.01 0.54
C VAL A 129 -11.75 4.65 -0.79
N LYS A 130 -11.46 5.95 -0.76
CA LYS A 130 -10.88 6.61 -1.91
C LYS A 130 -9.45 7.04 -1.68
N PRO A 131 -8.60 6.94 -2.72
CA PRO A 131 -7.20 7.44 -2.57
C PRO A 131 -7.17 8.88 -2.09
N ILE A 132 -6.19 9.20 -1.28
CA ILE A 132 -5.97 10.51 -0.84
C ILE A 132 -5.17 11.25 -1.91
N VAL A 133 -5.58 12.44 -2.29
CA VAL A 133 -4.90 13.19 -3.36
C VAL A 133 -4.15 14.39 -2.76
N ALA A 134 -2.82 14.46 -3.00
CA ALA A 134 -1.97 15.37 -2.29
C ALA A 134 -0.82 15.87 -3.17
N SER A 135 -0.27 17.03 -2.82
CA SER A 135 1.03 17.45 -3.28
C SER A 135 2.05 16.79 -2.34
N ILE A 136 3.27 16.53 -2.83
CA ILE A 136 4.36 15.98 -2.02
C ILE A 136 5.48 17.04 -2.09
N VAL A 137 5.64 17.77 -0.96
CA VAL A 137 6.49 18.88 -0.84
C VAL A 137 7.80 18.41 -0.19
N GLY A 138 8.90 18.83 -0.78
CA GLY A 138 10.20 18.42 -0.29
C GLY A 138 11.22 19.57 -0.25
N TYR A 139 12.44 19.23 -0.67
CA TYR A 139 13.63 20.07 -0.58
C TYR A 139 13.31 21.44 -1.16
N LYS A 140 13.71 22.48 -0.42
CA LYS A 140 13.52 23.86 -0.85
C LYS A 140 12.05 24.24 -0.98
N GLU A 141 11.18 23.47 -0.31
CA GLU A 141 9.76 23.66 -0.42
C GLU A 141 9.22 23.56 -1.83
N MET A 142 9.93 22.81 -2.67
CA MET A 142 9.43 22.48 -4.01
C MET A 142 8.54 21.26 -3.97
N CYS A 143 7.89 20.97 -5.07
CA CYS A 143 6.93 19.86 -5.22
C CYS A 143 7.47 18.77 -6.13
N LEU A 144 7.24 17.52 -5.75
CA LEU A 144 7.53 16.39 -6.59
C LEU A 144 6.57 16.38 -7.79
N GLN A 145 7.11 16.16 -8.97
CA GLN A 145 6.31 16.25 -10.18
C GLN A 145 6.63 15.08 -11.10
N SER A 146 5.59 14.51 -11.69
CA SER A 146 5.74 13.52 -12.74
C SER A 146 5.88 14.20 -14.09
N ASN A 147 6.34 13.44 -15.08
CA ASN A 147 6.75 13.95 -16.39
C ASN A 147 6.48 12.95 -17.49
N GLY A 148 5.47 12.09 -17.31
CA GLY A 148 5.18 11.02 -18.27
C GLY A 148 5.68 9.63 -17.90
N GLU A 149 5.02 8.63 -18.46
CA GLU A 149 5.43 7.25 -18.31
C GLU A 149 6.84 7.08 -18.82
N ASN A 150 7.61 6.29 -18.07
CA ASN A 150 9.00 6.00 -18.31
C ASN A 150 9.97 7.13 -18.02
N ASN A 151 9.47 8.31 -17.66
CA ASN A 151 10.33 9.43 -17.35
C ASN A 151 10.56 9.59 -15.83
N GLY A 152 11.62 10.34 -15.49
CA GLY A 152 11.96 10.61 -14.11
C GLY A 152 10.89 11.43 -13.46
N VAL A 153 10.83 11.35 -12.13
CA VAL A 153 10.17 12.38 -11.35
C VAL A 153 11.20 13.40 -10.94
N TRP A 154 10.81 14.62 -10.65
CA TRP A 154 11.71 15.64 -10.22
C TRP A 154 11.01 16.79 -9.50
N MET A 155 11.80 17.71 -8.96
CA MET A 155 11.27 18.85 -8.20
C MET A 155 10.97 20.01 -9.07
N GLU A 156 9.78 20.59 -8.88
N GLU A 156 9.95 20.77 -8.70
CA GLU A 156 9.42 21.91 -9.47
CA GLU A 156 9.56 21.97 -9.43
C GLU A 156 8.85 22.86 -8.39
C GLU A 156 8.74 22.86 -8.48
N ASP A 157 8.84 24.17 -8.68
CA ASP A 157 8.08 25.08 -7.86
C ASP A 157 6.61 24.65 -7.78
N CYS A 158 6.06 24.69 -6.59
CA CYS A 158 4.65 24.22 -6.41
C CYS A 158 3.65 25.14 -7.10
N GLU A 159 2.73 24.50 -7.80
CA GLU A 159 1.68 25.15 -8.56
C GLU A 159 0.36 24.46 -8.28
N ALA A 160 -0.60 25.19 -7.81
CA ALA A 160 -1.94 24.59 -7.60
C ALA A 160 -2.49 24.05 -8.92
N THR A 161 -2.14 24.64 -10.05
CA THR A 161 -2.64 24.22 -11.36
C THR A 161 -1.88 23.16 -12.10
N SER A 162 -0.78 22.66 -11.52
CA SER A 162 0.00 21.58 -12.12
C SER A 162 -0.57 20.24 -11.78
N LEU A 163 -1.25 19.58 -12.71
CA LEU A 163 -1.82 18.30 -12.42
C LEU A 163 -0.71 17.30 -12.21
N GLN A 164 0.45 17.46 -12.85
CA GLN A 164 1.54 16.51 -12.65
C GLN A 164 2.21 16.59 -11.29
N GLN A 165 1.79 17.55 -10.45
CA GLN A 165 2.16 17.62 -9.04
C GLN A 165 1.14 16.99 -8.10
N GLN A 166 0.12 16.34 -8.64
CA GLN A 166 -0.95 15.79 -7.90
C GLN A 166 -0.78 14.27 -7.85
N TRP A 167 -0.75 13.74 -6.64
CA TRP A 167 -0.49 12.34 -6.42
C TRP A 167 -1.63 11.67 -5.68
N ALA A 168 -2.06 10.50 -6.17
CA ALA A 168 -3.05 9.67 -5.50
C ALA A 168 -2.29 8.64 -4.62
N LEU A 169 -2.54 8.73 -3.31
CA LEU A 169 -1.91 7.85 -2.32
C LEU A 169 -2.88 6.69 -2.12
N TYR A 170 -2.59 5.61 -2.80
CA TYR A 170 -3.46 4.45 -2.84
C TYR A 170 -3.29 3.54 -1.62
N GLY A 171 -4.32 2.74 -1.32
CA GLY A 171 -4.29 1.88 -0.17
C GLY A 171 -3.25 0.80 -0.16
N ASP A 172 -2.83 0.41 -1.37
CA ASP A 172 -1.76 -0.57 -1.54
C ASP A 172 -0.35 0.01 -1.31
N ARG A 173 -0.31 1.27 -0.87
CA ARG A 173 0.97 1.91 -0.53
C ARG A 173 1.77 2.25 -1.80
N THR A 174 1.07 2.43 -2.89
CA THR A 174 1.63 3.00 -4.08
C THR A 174 1.38 4.53 -4.12
N ILE A 175 2.20 5.23 -4.91
CA ILE A 175 2.08 6.65 -5.16
C ILE A 175 1.81 6.80 -6.65
N ARG A 176 0.58 7.19 -7.00
CA ARG A 176 0.16 7.15 -8.38
C ARG A 176 -0.06 8.54 -8.95
N VAL A 177 0.17 8.65 -10.25
CA VAL A 177 -0.07 9.91 -10.97
C VAL A 177 -1.58 10.18 -10.93
N ASN A 178 -2.02 11.26 -10.34
CA ASN A 178 -3.45 11.33 -10.04
C ASN A 178 -4.32 11.32 -11.31
N SER A 179 -3.83 11.93 -12.38
N SER A 179 -3.82 11.95 -12.37
CA SER A 179 -4.60 12.00 -13.62
CA SER A 179 -4.55 11.99 -13.65
C SER A 179 -4.36 10.85 -14.59
C SER A 179 -4.55 10.71 -14.47
N THR A 180 -3.61 9.83 -14.15
CA THR A 180 -3.35 8.61 -14.91
C THR A 180 -2.99 7.50 -13.87
N ARG A 181 -4.01 6.98 -13.23
CA ARG A 181 -3.84 6.20 -12.06
C ARG A 181 -3.32 4.79 -12.28
N GLY A 182 -3.11 4.40 -13.52
CA GLY A 182 -2.38 3.14 -13.81
C GLY A 182 -0.89 3.27 -13.78
N LEU A 183 -0.40 4.48 -13.53
CA LEU A 183 1.05 4.77 -13.46
C LEU A 183 1.48 5.10 -12.03
N CYS A 184 2.58 4.39 -11.62
N CYS A 184 2.72 4.79 -11.71
CA CYS A 184 3.15 4.38 -10.25
CA CYS A 184 3.13 5.04 -10.37
C CYS A 184 4.60 4.91 -10.11
C CYS A 184 4.60 5.26 -10.24
N VAL A 185 4.93 5.71 -9.06
CA VAL A 185 6.27 6.01 -8.72
C VAL A 185 7.02 4.72 -8.48
N THR A 186 8.16 4.56 -9.20
CA THR A 186 8.88 3.28 -9.23
C THR A 186 10.39 3.53 -9.15
N THR A 187 11.05 2.81 -8.24
CA THR A 187 12.48 2.87 -8.22
C THR A 187 13.02 1.94 -9.29
N ASN A 188 13.97 2.41 -10.06
CA ASN A 188 14.50 1.64 -11.19
C ASN A 188 15.68 0.86 -10.70
N GLY A 189 15.44 -0.01 -9.73
CA GLY A 189 16.41 -0.85 -9.04
C GLY A 189 16.37 -0.62 -7.52
N TYR A 190 17.06 -1.47 -6.77
CA TYR A 190 17.03 -1.47 -5.30
C TYR A 190 18.36 -1.00 -4.72
N ASN A 191 19.27 -0.47 -5.55
CA ASN A 191 20.59 -0.04 -5.09
C ASN A 191 20.67 1.49 -4.92
N SER A 192 21.55 1.90 -4.05
CA SER A 192 21.79 3.29 -3.83
C SER A 192 22.05 3.95 -5.17
N LYS A 193 21.47 5.15 -5.32
CA LYS A 193 21.64 6.01 -6.49
C LYS A 193 20.76 5.60 -7.67
N ASP A 194 19.96 4.55 -7.52
CA ASP A 194 19.02 4.19 -8.58
C ASP A 194 17.95 5.29 -8.69
N LEU A 195 17.49 5.54 -9.91
CA LEU A 195 16.61 6.66 -10.23
C LEU A 195 15.17 6.29 -10.00
N ILE A 196 14.38 7.28 -9.60
CA ILE A 196 12.96 7.14 -9.43
C ILE A 196 12.21 7.71 -10.69
N ILE A 197 11.36 6.87 -11.27
CA ILE A 197 10.68 7.12 -12.51
C ILE A 197 9.20 6.82 -12.32
N ILE A 198 8.43 7.01 -13.38
CA ILE A 198 7.04 6.57 -13.43
C ILE A 198 6.92 5.38 -14.37
N LEU A 199 6.34 4.29 -13.91
CA LEU A 199 6.10 3.09 -14.71
C LEU A 199 4.68 2.55 -14.45
N LYS A 200 4.15 1.78 -15.40
CA LYS A 200 2.86 1.14 -15.19
C LYS A 200 2.91 0.36 -13.83
N CYS A 201 1.82 0.48 -13.08
N CYS A 201 1.83 0.49 -13.04
CA CYS A 201 1.67 -0.25 -11.82
CA CYS A 201 1.75 -0.22 -11.75
C CYS A 201 1.64 -1.72 -12.14
C CYS A 201 1.52 -1.71 -11.96
N GLN A 202 2.45 -2.48 -11.45
CA GLN A 202 2.54 -3.95 -11.59
C GLN A 202 2.65 -4.68 -10.25
N GLY A 203 2.38 -3.99 -9.15
CA GLY A 203 2.32 -4.62 -7.86
C GLY A 203 3.70 -4.91 -7.26
N LEU A 204 4.76 -4.33 -7.82
CA LEU A 204 6.11 -4.75 -7.50
C LEU A 204 6.64 -4.14 -6.19
N PRO A 205 7.70 -4.74 -5.63
CA PRO A 205 8.38 -4.10 -4.50
C PRO A 205 9.01 -2.74 -4.83
N SER A 206 9.34 -2.50 -6.09
CA SER A 206 9.88 -1.24 -6.53
C SER A 206 8.81 -0.12 -6.57
N GLN A 207 7.55 -0.43 -6.32
CA GLN A 207 6.45 0.46 -6.42
C GLN A 207 5.78 0.67 -5.05
N ARG A 208 6.36 0.13 -3.99
CA ARG A 208 5.86 0.26 -2.66
C ARG A 208 6.61 1.32 -1.90
N TRP A 209 5.87 2.14 -1.14
CA TRP A 209 6.45 3.26 -0.43
C TRP A 209 5.78 3.37 0.92
N PHE A 210 6.53 3.88 1.89
CA PHE A 210 6.13 4.07 3.25
C PHE A 210 6.52 5.48 3.71
N PHE A 211 5.55 6.27 4.14
CA PHE A 211 5.76 7.61 4.68
C PHE A 211 6.02 7.46 6.16
N ASN A 212 7.28 7.51 6.59
CA ASN A 212 7.62 7.25 8.00
C ASN A 212 7.56 8.51 8.85
N SER A 213 7.73 8.35 10.15
CA SER A 213 7.52 9.45 11.08
C SER A 213 8.61 10.52 11.02
N ASP A 214 9.76 10.21 10.39
CA ASP A 214 10.87 11.15 10.28
C ASP A 214 10.71 12.03 9.02
N GLY A 215 9.61 11.91 8.27
CA GLY A 215 9.49 12.68 7.04
C GLY A 215 10.19 12.09 5.83
N ALA A 216 10.63 10.83 5.91
CA ALA A 216 11.21 10.18 4.76
C ALA A 216 10.11 9.40 4.01
N ILE A 217 10.37 9.16 2.74
CA ILE A 217 9.55 8.28 1.91
C ILE A 217 10.43 7.08 1.58
N VAL A 218 10.08 5.95 2.18
CA VAL A 218 10.92 4.80 2.25
C VAL A 218 10.44 3.73 1.30
N ASN A 219 11.37 3.10 0.58
CA ASN A 219 11.07 1.89 -0.17
C ASN A 219 11.39 0.66 0.67
N PRO A 220 10.38 -0.08 1.16
CA PRO A 220 10.72 -1.09 2.18
C PRO A 220 11.72 -2.18 1.77
N LYS A 221 11.61 -2.68 0.56
CA LYS A 221 12.52 -3.72 0.11
C LYS A 221 13.95 -3.23 0.14
N SER A 222 14.23 -2.09 -0.49
CA SER A 222 15.65 -1.64 -0.52
C SER A 222 16.13 -1.08 0.83
N ARG A 223 15.19 -0.62 1.63
CA ARG A 223 15.39 0.17 2.88
C ARG A 223 15.70 1.63 2.61
N LEU A 224 15.88 1.98 1.36
CA LEU A 224 16.40 3.30 1.00
C LEU A 224 15.26 4.27 0.80
N VAL A 225 15.56 5.56 0.78
CA VAL A 225 14.56 6.60 0.84
C VAL A 225 14.72 7.57 -0.32
N MET A 226 13.64 8.28 -0.62
N MET A 226 13.63 8.26 -0.65
CA MET A 226 13.65 9.26 -1.74
CA MET A 226 13.66 9.30 -1.71
C MET A 226 14.53 10.46 -1.40
C MET A 226 14.63 10.39 -1.36
N ASP A 227 15.38 10.83 -2.37
CA ASP A 227 16.48 11.78 -2.15
C ASP A 227 16.63 12.64 -3.40
N VAL A 228 16.69 13.94 -3.20
CA VAL A 228 16.94 14.89 -4.29
C VAL A 228 18.46 14.84 -4.54
N ARG A 229 18.83 14.25 -5.66
CA ARG A 229 20.22 13.89 -5.89
C ARG A 229 21.11 15.10 -5.73
N ALA A 230 22.18 14.94 -4.95
CA ALA A 230 23.20 15.97 -4.71
C ALA A 230 22.64 17.27 -4.16
N SER A 231 21.42 17.27 -3.60
CA SER A 231 20.75 18.48 -3.17
C SER A 231 20.78 19.49 -4.30
N ASN A 232 20.59 19.00 -5.53
CA ASN A 232 20.67 19.88 -6.70
C ASN A 232 19.45 19.70 -7.55
N VAL A 233 18.49 20.62 -7.40
CA VAL A 233 17.20 20.45 -8.08
C VAL A 233 17.34 20.61 -9.56
N SER A 234 18.38 21.32 -10.03
N SER A 234 18.37 21.32 -10.02
CA SER A 234 18.57 21.51 -11.47
CA SER A 234 18.59 21.49 -11.47
C SER A 234 19.07 20.24 -12.19
C SER A 234 18.92 20.18 -12.18
N LEU A 235 19.48 19.20 -11.45
CA LEU A 235 19.80 17.91 -12.05
C LEU A 235 18.52 17.19 -12.48
N ARG A 236 17.38 17.51 -11.88
CA ARG A 236 16.10 16.86 -12.23
C ARG A 236 16.21 15.34 -12.10
N GLU A 237 16.78 14.92 -10.96
CA GLU A 237 16.95 13.49 -10.60
C GLU A 237 16.63 13.29 -9.15
N ILE A 238 15.71 12.35 -8.92
N ILE A 238 15.74 12.33 -8.90
CA ILE A 238 15.36 11.83 -7.61
CA ILE A 238 15.45 11.89 -7.56
C ILE A 238 15.89 10.42 -7.60
C ILE A 238 15.81 10.42 -7.53
N ILE A 239 16.60 10.06 -6.53
CA ILE A 239 17.16 8.72 -6.38
C ILE A 239 16.70 8.11 -5.08
N ILE A 240 16.98 6.81 -4.92
CA ILE A 240 16.92 6.22 -3.56
C ILE A 240 18.33 6.28 -2.93
N PHE A 241 18.37 6.47 -1.63
CA PHE A 241 19.63 6.62 -0.91
C PHE A 241 19.40 6.29 0.57
N PRO A 242 20.46 5.82 1.29
CA PRO A 242 20.24 5.63 2.72
C PRO A 242 19.75 6.86 3.46
N ALA A 243 18.87 6.64 4.41
CA ALA A 243 18.32 7.74 5.19
C ALA A 243 19.40 8.49 5.99
N THR A 244 19.47 9.79 5.76
CA THR A 244 20.40 10.69 6.42
C THR A 244 19.71 11.76 7.30
N GLY A 245 18.41 11.97 7.09
CA GLY A 245 17.70 13.06 7.74
C GLY A 245 17.99 14.45 7.16
N ASN A 246 18.78 14.50 6.09
CA ASN A 246 19.19 15.79 5.52
C ASN A 246 17.99 16.41 4.79
N PRO A 247 18.04 17.71 4.50
CA PRO A 247 16.93 18.38 3.88
C PRO A 247 16.48 17.77 2.54
N ASN A 248 17.42 17.20 1.79
CA ASN A 248 17.09 16.64 0.51
C ASN A 248 16.36 15.28 0.59
N GLN A 249 16.05 14.84 1.79
CA GLN A 249 15.29 13.62 2.02
C GLN A 249 14.04 13.82 2.88
N GLN A 250 13.69 15.08 3.08
N GLN A 250 13.70 15.08 3.14
CA GLN A 250 12.54 15.45 3.91
CA GLN A 250 12.49 15.38 3.90
C GLN A 250 11.34 15.83 3.06
C GLN A 250 11.34 15.71 2.97
N TRP A 251 10.17 15.24 3.36
CA TRP A 251 8.99 15.42 2.56
C TRP A 251 7.76 15.56 3.48
N VAL A 252 6.76 16.24 2.97
N VAL A 252 6.76 16.32 3.01
CA VAL A 252 5.45 16.25 3.58
CA VAL A 252 5.45 16.56 3.68
C VAL A 252 4.39 16.21 2.51
C VAL A 252 4.33 16.49 2.65
N THR A 253 3.25 15.70 2.92
CA THR A 253 2.13 15.64 2.05
C THR A 253 1.19 16.80 2.41
N GLN A 254 0.61 17.44 1.41
N GLN A 254 0.61 17.34 1.37
CA GLN A 254 -0.35 18.52 1.64
CA GLN A 254 -0.39 18.36 1.49
C GLN A 254 -1.56 18.23 0.77
C GLN A 254 -1.61 17.94 0.71
N VAL A 255 -2.68 17.84 1.40
CA VAL A 255 -3.88 17.45 0.71
C VAL A 255 -4.33 18.59 -0.22
N LEU A 256 -4.86 18.21 -1.37
CA LEU A 256 -5.30 19.14 -2.43
C LEU A 256 -6.78 19.31 -2.39
N PRO A 257 -7.25 20.49 -2.85
CA PRO A 257 -8.67 20.74 -2.84
C PRO A 257 -9.37 19.97 -3.92
C1 NAG B . 5.88 -18.10 -3.20
C2 NAG B . 7.20 -18.35 -3.97
C3 NAG B . 7.43 -17.46 -5.19
C4 NAG B . 6.21 -17.43 -6.05
C5 NAG B . 4.96 -17.15 -5.20
C6 NAG B . 3.71 -17.10 -6.04
C7 NAG B . 9.01 -19.19 -2.52
C8 NAG B . 10.32 -18.84 -1.85
N2 NAG B . 8.34 -18.15 -3.08
O3 NAG B . 8.50 -17.96 -5.98
O4 NAG B . 6.37 -16.41 -7.01
O5 NAG B . 4.83 -18.12 -4.17
O6 NAG B . 3.52 -18.36 -6.63
O7 NAG B . 8.68 -20.37 -2.53
C1 FUC B . 9.79 -17.29 -5.78
C2 FUC B . 10.92 -18.25 -6.15
C3 FUC B . 10.90 -18.54 -7.63
C4 FUC B . 10.89 -17.24 -8.45
C5 FUC B . 9.77 -16.33 -7.95
C6 FUC B . 9.68 -15.00 -8.68
O2 FUC B . 10.79 -19.50 -5.50
O3 FUC B . 12.05 -19.34 -7.89
O4 FUC B . 12.13 -16.57 -8.27
O5 FUC B . 10.00 -16.11 -6.56
C1 NAG B . 6.11 -16.91 -8.34
C2 NAG B . 6.23 -15.75 -9.34
C3 NAG B . 5.90 -16.30 -10.73
C4 NAG B . 6.87 -17.43 -11.03
C5 NAG B . 6.75 -18.52 -9.95
C6 NAG B . 7.75 -19.64 -10.16
C7 NAG B . 5.92 -13.47 -8.54
C8 NAG B . 6.02 -12.33 -9.53
N2 NAG B . 5.39 -14.61 -9.01
O3 NAG B . 5.99 -15.26 -11.69
O4 NAG B . 6.63 -17.95 -12.32
O5 NAG B . 7.00 -17.95 -8.67
O6 NAG B . 7.41 -20.74 -9.34
O7 NAG B . 6.34 -13.33 -7.38
C1 NAG C . -19.09 -21.33 15.81
C2 NAG C . -20.46 -20.68 15.75
C3 NAG C . -21.18 -20.94 17.08
C4 NAG C . -21.17 -22.44 17.36
C5 NAG C . -19.74 -22.91 17.38
C6 NAG C . -19.59 -24.36 17.81
C7 NAG C . -20.89 -18.68 14.36
C8 NAG C . -20.79 -17.18 14.18
N2 NAG C . -20.37 -19.24 15.47
O3 NAG C . -22.49 -20.44 17.06
O4 NAG C . -21.74 -22.65 18.62
O5 NAG C . -19.23 -22.70 16.06
O6 NAG C . -20.09 -25.20 16.81
O7 NAG C . -21.43 -19.39 13.51
C1 FUC C . -22.52 -19.15 17.72
C2 FUC C . -23.88 -18.51 17.49
C3 FUC C . -24.98 -19.22 18.29
C4 FUC C . -24.59 -19.33 19.75
C5 FUC C . -23.22 -19.99 19.85
C6 FUC C . -22.77 -20.15 21.30
O2 FUC C . -24.20 -18.50 16.12
O3 FUC C . -26.16 -18.46 18.16
O4 FUC C . -24.54 -18.05 20.34
O5 FUC C . -22.26 -19.23 19.12
C1 NAG C . -22.81 -23.61 18.53
C2 NAG C . -23.28 -23.79 19.95
C3 NAG C . -24.69 -24.41 20.11
C4 NAG C . -25.57 -24.43 18.86
C5 NAG C . -24.79 -24.32 17.56
C6 NAG C . -25.72 -24.03 16.40
C7 NAG C . -21.28 -24.01 21.32
C8 NAG C . -20.06 -24.85 21.56
N2 NAG C . -22.24 -24.58 20.59
O3 NAG C . -25.38 -23.65 21.08
O4 NAG C . -26.36 -25.60 18.83
O5 NAG C . -23.89 -23.24 17.71
O6 NAG C . -26.34 -22.80 16.64
O7 NAG C . -21.35 -22.87 21.77
C1 NAG D . -7.54 13.30 -9.13
C2 NAG D . -8.26 14.65 -9.40
C3 NAG D . -9.77 14.43 -9.18
C4 NAG D . -10.33 13.23 -9.98
C5 NAG D . -9.42 12.05 -9.76
C6 NAG D . -9.79 10.80 -10.56
C7 NAG D . -7.86 15.84 -7.30
C8 NAG D . -7.26 17.04 -6.60
N2 NAG D . -7.69 15.76 -8.61
O3 NAG D . -10.46 15.62 -9.45
O4 NAG D . -11.63 12.84 -9.46
O5 NAG D . -8.06 12.38 -10.08
O6 NAG D . -9.84 11.19 -11.92
O7 NAG D . -8.35 14.91 -6.64
C1 NAG D . -12.78 12.98 -10.35
C2 NAG D . -13.88 12.06 -9.82
C3 NAG D . -15.24 12.35 -10.43
C4 NAG D . -15.54 13.83 -10.37
C5 NAG D . -14.42 14.66 -10.99
C6 NAG D . -14.66 16.16 -10.82
C7 NAG D . -13.14 9.84 -9.02
C8 NAG D . -12.85 8.42 -9.43
N2 NAG D . -13.60 10.62 -10.00
O3 NAG D . -16.20 11.66 -9.67
O4 NAG D . -16.72 14.02 -11.12
O5 NAG D . -13.21 14.33 -10.34
O6 NAG D . -14.82 16.46 -9.43
O7 NAG D . -12.94 10.26 -7.84
C1 NAG E . 23.50 21.26 -10.47
C2 NAG E . 24.96 21.76 -10.49
C3 NAG E . 25.29 22.59 -11.74
C4 NAG E . 24.92 21.76 -12.96
C5 NAG E . 23.46 21.34 -12.87
C6 NAG E . 23.10 20.41 -14.01
C7 NAG E . 26.26 22.12 -8.41
C8 NAG E . 26.42 22.95 -7.16
N2 NAG E . 25.24 22.43 -9.21
O3 NAG E . 26.67 22.97 -11.82
O4 NAG E . 25.06 22.53 -14.14
O5 NAG E . 23.22 20.58 -11.66
O6 NAG E . 24.08 19.39 -14.03
O7 NAG E . 27.04 21.21 -8.63
O5 A2G F . -20.87 -10.53 -4.69
C1 A2G F . -21.86 -9.74 -4.00
C2 A2G F . -21.21 -9.04 -2.80
N2 A2G F . -22.18 -8.14 -2.16
C3 A2G F . -19.92 -8.33 -3.18
O3 A2G F . -19.40 -7.71 -2.00
C4 A2G F . -18.96 -9.38 -3.77
O4 A2G F . -18.66 -10.42 -2.85
C5 A2G F . -19.65 -9.87 -5.06
C6 A2G F . -18.74 -10.80 -5.94
O6 A2G F . -18.42 -12.00 -5.24
C7 A2G F . -23.00 -8.53 -1.16
O7 A2G F . -23.01 -9.66 -0.73
C8 A2G F . -24.00 -7.49 -0.71
S SO4 G . -19.97 -0.30 11.23
O1 SO4 G . -20.17 -1.60 11.86
O2 SO4 G . -21.09 0.63 11.58
O3 SO4 G . -18.71 0.28 11.58
O4 SO4 G . -20.04 -0.53 9.78
S SO4 H . -17.81 -16.54 -8.49
O1 SO4 H . -17.54 -15.50 -9.49
O2 SO4 H . -18.99 -17.22 -8.90
O3 SO4 H . -16.72 -17.45 -8.25
O4 SO4 H . -17.94 -15.66 -7.34
S SO4 I . 1.94 20.50 -15.71
S SO4 I . -0.06 19.99 -15.89
O1 SO4 I . 2.98 19.99 -16.61
O1 SO4 I . 0.59 19.51 -14.68
O2 SO4 I . 0.91 21.21 -16.49
O2 SO4 I . -1.44 20.36 -15.58
O3 SO4 I . 1.23 19.41 -15.01
O3 SO4 I . 0.63 21.14 -16.46
O4 SO4 I . 2.57 21.41 -14.72
O4 SO4 I . -0.08 18.93 -16.90
S SO4 J . -21.23 -4.03 -6.26
O1 SO4 J . -21.21 -5.32 -5.52
O2 SO4 J . -22.05 -3.04 -5.49
O3 SO4 J . -19.90 -3.39 -6.51
O4 SO4 J . -21.89 -4.26 -7.57
C ACT K . 22.80 12.74 -1.89
O ACT K . 23.26 13.71 -1.25
OXT ACT K . 23.17 11.53 -1.60
CH3 ACT K . 21.88 13.02 -2.89
N SER L . -23.06 -7.08 -7.19
CA SER L . -23.91 -8.12 -6.54
C SER L . -24.75 -7.52 -5.41
O SER L . -25.58 -8.16 -4.75
CB SER L . -23.03 -9.26 -6.03
OG SER L . -22.33 -8.82 -4.89
OXT SER L . -24.59 -6.36 -5.10
#